data_4XPU
#
_entry.id   4XPU
#
_cell.length_a   55.892
_cell.length_b   84.783
_cell.length_c   91.507
_cell.angle_alpha   90.00
_cell.angle_beta   90.00
_cell.angle_gamma   90.00
#
_symmetry.space_group_name_H-M   'P 21 21 21'
#
loop_
_entity.id
_entity.type
_entity.pdbx_description
1 polymer 'Endonuclease V'
2 water water
#
_entity_poly.entity_id   1
_entity_poly.type   'polypeptide(L)'
_entity_poly.pdbx_seq_one_letter_code
;GPHMDLASLRAQQIELASSVIREDRLDKDPPDLIAGADVGFEQGGEVTRAAMVLLKYPSLELVEYKVARIATTMPYIPGF
LSFREYPALLAAWEMLSQKPDLVFVDGHGISHPRRLGVASHFGLLVDVPTIGVAKKRLCGKFEPLSSEPGALAPLMDKGE
QLAWVWRSKARCNPLFIATGHRVSVDSALAWVQRCMKGYRLPEPTRWADAVASERPA
;
_entity_poly.pdbx_strand_id   A,B
#
# COMPACT_ATOMS: atom_id res chain seq x y z
N MET A 4 -33.21 -27.33 -0.60
CA MET A 4 -31.81 -26.92 -0.91
C MET A 4 -31.13 -26.18 0.28
N ASP A 5 -30.43 -26.96 1.12
CA ASP A 5 -29.44 -26.41 2.05
C ASP A 5 -28.32 -25.76 1.25
N LEU A 6 -28.13 -26.24 0.01
CA LEU A 6 -27.13 -25.68 -0.92
C LEU A 6 -27.50 -24.32 -1.49
N ALA A 7 -28.76 -24.13 -1.82
CA ALA A 7 -29.20 -22.85 -2.35
C ALA A 7 -29.30 -21.81 -1.22
N SER A 8 -29.66 -22.23 0.00
CA SER A 8 -29.73 -21.26 1.11
C SER A 8 -28.35 -20.95 1.72
N LEU A 9 -27.39 -21.82 1.45
CA LEU A 9 -25.97 -21.60 1.82
C LEU A 9 -25.42 -20.49 0.99
N ARG A 10 -25.71 -20.60 -0.30
CA ARG A 10 -25.31 -19.62 -1.27
C ARG A 10 -25.93 -18.27 -0.99
N ALA A 11 -27.20 -18.31 -0.58
CA ALA A 11 -27.97 -17.12 -0.24
C ALA A 11 -27.36 -16.43 0.96
N GLN A 12 -27.11 -17.20 2.03
CA GLN A 12 -26.39 -16.68 3.19
C GLN A 12 -25.09 -16.02 2.79
N GLN A 13 -24.32 -16.71 1.94
CA GLN A 13 -23.02 -16.21 1.52
C GLN A 13 -23.12 -14.83 0.90
N ILE A 14 -23.98 -14.64 -0.12
CA ILE A 14 -23.99 -13.35 -0.83
C ILE A 14 -24.56 -12.24 0.06
N GLU A 15 -25.34 -12.60 1.08
CA GLU A 15 -25.82 -11.62 2.04
C GLU A 15 -24.68 -11.10 2.89
N LEU A 16 -23.93 -12.03 3.49
CA LEU A 16 -22.76 -11.73 4.31
C LEU A 16 -21.69 -10.94 3.55
N ALA A 17 -21.43 -11.33 2.31
CA ALA A 17 -20.48 -10.62 1.49
C ALA A 17 -20.93 -9.17 1.31
N SER A 18 -22.25 -9.02 1.20
CA SER A 18 -22.87 -7.68 1.10
C SER A 18 -22.75 -6.82 2.34
N SER A 19 -22.85 -7.46 3.50
CA SER A 19 -22.78 -6.78 4.78
C SER A 19 -21.35 -6.43 5.30
N VAL A 20 -20.31 -6.93 4.65
CA VAL A 20 -18.93 -6.59 5.02
C VAL A 20 -18.75 -5.08 4.95
N ILE A 21 -18.23 -4.47 6.02
CA ILE A 21 -17.93 -3.05 6.03
C ILE A 21 -16.52 -2.85 5.46
N ARG A 22 -16.39 -1.99 4.45
CA ARG A 22 -15.09 -1.78 3.79
C ARG A 22 -14.45 -0.40 4.10
N GLU A 23 -14.84 0.18 5.21
CA GLU A 23 -14.29 1.41 5.66
C GLU A 23 -13.87 1.23 7.09
N ASP A 24 -12.96 2.07 7.52
CA ASP A 24 -12.50 2.02 8.89
C ASP A 24 -13.62 2.28 9.88
N ARG A 25 -13.77 1.36 10.82
CA ARG A 25 -14.68 1.52 11.92
C ARG A 25 -14.15 0.86 13.20
N LEU A 26 -13.01 1.34 13.64
CA LEU A 26 -12.46 0.87 14.87
C LEU A 26 -13.13 1.66 15.95
N ASP A 27 -13.52 1.01 17.04
CA ASP A 27 -14.08 1.68 18.21
C ASP A 27 -12.97 2.18 19.15
N LYS A 28 -11.75 1.70 18.93
CA LYS A 28 -10.65 1.97 19.81
C LYS A 28 -9.39 2.10 19.02
N ASP A 29 -8.98 3.33 18.76
CA ASP A 29 -7.89 3.57 17.83
C ASP A 29 -7.01 4.58 18.51
N PRO A 30 -5.79 4.16 18.88
CA PRO A 30 -5.22 2.84 18.65
C PRO A 30 -5.76 1.71 19.56
N PRO A 31 -5.71 0.47 19.07
CA PRO A 31 -6.11 -0.64 19.91
C PRO A 31 -5.22 -0.80 21.17
N ASP A 32 -5.79 -1.29 22.25
CA ASP A 32 -5.00 -1.69 23.41
C ASP A 32 -4.58 -3.17 23.25
N LEU A 33 -5.40 -3.91 22.50
CA LEU A 33 -5.27 -5.33 22.44
C LEU A 33 -5.62 -5.74 21.04
N ILE A 34 -4.75 -6.52 20.40
CA ILE A 34 -5.02 -7.08 19.08
C ILE A 34 -5.05 -8.57 19.19
N ALA A 35 -5.51 -9.24 18.15
CA ALA A 35 -5.57 -10.68 18.18
C ALA A 35 -5.13 -11.25 16.85
N GLY A 36 -4.55 -12.46 16.91
CA GLY A 36 -4.17 -13.19 15.71
C GLY A 36 -4.97 -14.47 15.70
N ALA A 37 -5.32 -14.95 14.49
CA ALA A 37 -6.14 -16.14 14.35
C ALA A 37 -5.66 -17.01 13.20
N ASP A 38 -5.78 -18.34 13.41
CA ASP A 38 -5.39 -19.38 12.46
C ASP A 38 -6.41 -20.53 12.51
N VAL A 39 -6.78 -21.09 11.37
CA VAL A 39 -7.70 -22.22 11.35
C VAL A 39 -7.19 -23.26 10.38
N GLY A 40 -7.44 -24.52 10.68
CA GLY A 40 -7.13 -25.60 9.74
C GLY A 40 -7.83 -26.89 10.14
N PHE A 41 -7.51 -27.97 9.45
CA PHE A 41 -8.18 -29.24 9.67
C PHE A 41 -7.25 -30.36 10.00
N GLU A 42 -7.76 -31.28 10.81
CA GLU A 42 -7.02 -32.42 11.29
C GLU A 42 -7.88 -33.63 11.02
N GLN A 43 -7.28 -34.81 11.06
CA GLN A 43 -8.04 -36.04 10.86
C GLN A 43 -8.73 -36.01 9.49
N GLY A 44 -7.96 -35.66 8.47
CA GLY A 44 -8.50 -35.54 7.12
C GLY A 44 -9.84 -34.83 7.03
N GLY A 45 -10.04 -33.80 7.85
CA GLY A 45 -11.23 -32.96 7.72
C GLY A 45 -12.31 -33.13 8.77
N GLU A 46 -12.11 -34.08 9.67
CA GLU A 46 -13.11 -34.43 10.70
C GLU A 46 -13.01 -33.53 11.93
N VAL A 47 -11.86 -32.91 12.12
CA VAL A 47 -11.70 -31.95 13.18
C VAL A 47 -11.24 -30.62 12.63
N THR A 48 -11.92 -29.55 13.05
CA THR A 48 -11.48 -28.22 12.73
C THR A 48 -10.79 -27.64 13.97
N ARG A 49 -9.60 -27.08 13.75
CA ARG A 49 -8.76 -26.53 14.79
C ARG A 49 -8.59 -25.05 14.54
N ALA A 50 -8.77 -24.23 15.59
CA ALA A 50 -8.52 -22.81 15.51
C ALA A 50 -7.68 -22.33 16.68
N ALA A 51 -6.68 -21.49 16.39
CA ALA A 51 -5.85 -20.92 17.43
C ALA A 51 -6.07 -19.42 17.45
N MET A 52 -6.29 -18.85 18.63
CA MET A 52 -6.32 -17.39 18.79
C MET A 52 -5.27 -16.92 19.77
N VAL A 53 -4.79 -15.73 19.48
CA VAL A 53 -3.69 -15.16 20.18
C VAL A 53 -4.08 -13.73 20.49
N LEU A 54 -3.73 -13.29 21.70
CA LEU A 54 -3.92 -11.91 22.13
C LEU A 54 -2.56 -11.30 22.28
N LEU A 55 -2.35 -10.12 21.70
CA LEU A 55 -1.19 -9.32 21.94
C LEU A 55 -1.55 -7.91 22.40
N LYS A 56 -0.64 -7.29 23.13
CA LYS A 56 -0.75 -5.89 23.47
C LYS A 56 -0.34 -5.06 22.29
N TYR A 57 -1.03 -3.93 22.11
CA TYR A 57 -0.60 -2.93 21.14
C TYR A 57 -0.25 -1.69 21.96
N PRO A 58 0.86 -0.99 21.60
CA PRO A 58 1.79 -1.21 20.45
C PRO A 58 2.95 -2.18 20.65
N SER A 59 3.07 -2.79 21.83
CA SER A 59 4.28 -3.56 22.13
C SER A 59 4.37 -4.81 21.29
N LEU A 60 3.21 -5.35 20.91
CA LEU A 60 3.07 -6.65 20.24
C LEU A 60 3.42 -7.84 21.14
N GLU A 61 3.30 -7.67 22.46
CA GLU A 61 3.49 -8.74 23.44
C GLU A 61 2.39 -9.76 23.51
N LEU A 62 2.76 -11.02 23.45
CA LEU A 62 1.89 -12.12 23.77
C LEU A 62 1.42 -11.99 25.18
N VAL A 63 0.12 -12.05 25.39
CA VAL A 63 -0.43 -12.21 26.73
C VAL A 63 -1.33 -13.41 26.85
N GLU A 64 -1.85 -13.95 25.76
CA GLU A 64 -2.65 -15.13 25.90
C GLU A 64 -2.87 -15.82 24.58
N TYR A 65 -3.10 -17.13 24.66
CA TYR A 65 -3.45 -17.87 23.51
C TYR A 65 -4.33 -19.01 23.92
N LYS A 66 -5.18 -19.45 22.99
CA LYS A 66 -6.14 -20.50 23.19
C LYS A 66 -6.34 -21.29 21.92
N VAL A 67 -6.47 -22.61 22.06
CA VAL A 67 -6.76 -23.46 20.94
C VAL A 67 -8.11 -24.17 21.17
N ALA A 68 -8.98 -24.13 20.17
CA ALA A 68 -10.20 -24.92 20.18
C ALA A 68 -10.11 -25.98 19.14
N ARG A 69 -10.63 -27.17 19.44
CA ARG A 69 -10.76 -28.24 18.46
C ARG A 69 -12.21 -28.69 18.49
N ILE A 70 -12.90 -28.72 17.35
CA ILE A 70 -14.25 -29.26 17.33
C ILE A 70 -14.43 -30.17 16.14
N ALA A 71 -15.52 -30.91 16.17
CA ALA A 71 -15.86 -31.82 15.10
C ALA A 71 -16.45 -31.02 13.95
N THR A 72 -15.96 -31.32 12.75
CA THR A 72 -16.41 -30.66 11.53
C THR A 72 -17.81 -31.15 11.26
N THR A 73 -18.76 -30.26 11.01
CA THR A 73 -20.14 -30.74 10.85
C THR A 73 -20.61 -30.67 9.44
N MET A 74 -19.92 -29.91 8.63
CA MET A 74 -20.28 -29.74 7.25
C MET A 74 -19.13 -30.35 6.42
N PRO A 75 -19.46 -30.96 5.29
CA PRO A 75 -18.38 -31.47 4.48
C PRO A 75 -17.87 -30.36 3.61
N TYR A 76 -16.70 -30.55 3.04
CA TYR A 76 -16.17 -29.56 2.12
C TYR A 76 -17.06 -29.43 0.90
N ILE A 77 -17.42 -28.22 0.59
CA ILE A 77 -18.19 -27.94 -0.57
C ILE A 77 -17.47 -26.77 -1.16
N PRO A 78 -17.06 -26.87 -2.42
CA PRO A 78 -16.29 -25.80 -3.01
C PRO A 78 -17.01 -24.47 -2.97
N GLY A 79 -16.24 -23.41 -2.70
CA GLY A 79 -16.79 -22.07 -2.48
C GLY A 79 -17.27 -21.80 -1.06
N PHE A 80 -17.33 -22.80 -0.20
CA PHE A 80 -17.97 -22.59 1.08
C PHE A 80 -17.05 -22.87 2.26
N LEU A 81 -15.76 -22.77 2.03
CA LEU A 81 -14.83 -23.16 3.07
C LEU A 81 -15.00 -22.33 4.35
N SER A 82 -15.37 -21.06 4.21
CA SER A 82 -15.49 -20.20 5.38
C SER A 82 -16.54 -20.67 6.40
N PHE A 83 -17.57 -21.41 5.91
CA PHE A 83 -18.62 -21.93 6.80
C PHE A 83 -18.16 -23.09 7.65
N ARG A 84 -17.20 -23.88 7.20
CA ARG A 84 -16.59 -24.91 8.06
C ARG A 84 -15.58 -24.33 8.97
N GLU A 85 -14.87 -23.28 8.52
CA GLU A 85 -13.79 -22.67 9.28
C GLU A 85 -14.36 -21.85 10.42
N TYR A 86 -15.43 -21.12 10.11
CA TYR A 86 -15.98 -20.15 11.05
C TYR A 86 -16.30 -20.69 12.46
N PRO A 87 -16.98 -21.85 12.54
CA PRO A 87 -17.30 -22.32 13.89
C PRO A 87 -16.12 -22.55 14.82
N ALA A 88 -14.97 -22.96 14.29
CA ALA A 88 -13.80 -23.22 15.12
C ALA A 88 -13.23 -21.92 15.64
N LEU A 89 -13.24 -20.90 14.78
CA LEU A 89 -12.73 -19.57 15.16
C LEU A 89 -13.61 -18.99 16.25
N LEU A 90 -14.92 -19.16 16.10
CA LEU A 90 -15.85 -18.78 17.15
C LEU A 90 -15.56 -19.48 18.47
N ALA A 91 -15.34 -20.78 18.46
CA ALA A 91 -15.04 -21.51 19.70
C ALA A 91 -13.78 -21.03 20.40
N ALA A 92 -12.70 -20.81 19.63
CA ALA A 92 -11.46 -20.26 20.18
C ALA A 92 -11.69 -18.85 20.73
N TRP A 93 -12.48 -18.05 20.04
CA TRP A 93 -12.75 -16.66 20.43
C TRP A 93 -13.37 -16.60 21.80
N GLU A 94 -14.31 -17.51 22.04
CA GLU A 94 -15.06 -17.51 23.28
C GLU A 94 -14.24 -18.07 24.45
N MET A 95 -13.12 -18.73 24.14
CA MET A 95 -12.12 -19.06 25.16
C MET A 95 -11.27 -17.86 25.61
N LEU A 96 -11.31 -16.74 24.89
CA LEU A 96 -10.44 -15.59 25.21
C LEU A 96 -10.96 -14.88 26.44
N SER A 97 -10.06 -14.56 27.36
CA SER A 97 -10.45 -13.91 28.62
C SER A 97 -10.76 -12.40 28.44
N GLN A 98 -10.31 -11.79 27.36
CA GLN A 98 -10.77 -10.46 27.01
C GLN A 98 -10.82 -10.35 25.49
N LYS A 99 -11.50 -9.32 25.03
CA LYS A 99 -11.80 -9.21 23.62
C LYS A 99 -10.93 -8.17 22.96
N PRO A 100 -10.29 -8.53 21.86
CA PRO A 100 -9.41 -7.60 21.15
C PRO A 100 -10.15 -6.48 20.41
N ASP A 101 -9.44 -5.38 20.15
CA ASP A 101 -9.95 -4.22 19.40
C ASP A 101 -9.81 -4.35 17.90
N LEU A 102 -8.90 -5.23 17.48
CA LEU A 102 -8.63 -5.46 16.07
C LEU A 102 -8.10 -6.88 15.94
N VAL A 103 -8.51 -7.56 14.87
CA VAL A 103 -8.19 -8.98 14.72
C VAL A 103 -7.50 -9.15 13.37
N PHE A 104 -6.37 -9.88 13.37
CA PHE A 104 -5.71 -10.23 12.14
C PHE A 104 -5.92 -11.70 11.91
N VAL A 105 -6.54 -12.07 10.79
CA VAL A 105 -6.81 -13.49 10.46
C VAL A 105 -5.85 -13.99 9.40
N ASP A 106 -5.31 -15.18 9.59
CA ASP A 106 -4.44 -15.79 8.59
C ASP A 106 -5.28 -16.43 7.48
N GLY A 107 -5.61 -15.65 6.46
CA GLY A 107 -6.61 -16.10 5.53
C GLY A 107 -7.13 -14.90 4.80
N HIS A 108 -8.01 -15.15 3.85
CA HIS A 108 -8.48 -14.10 2.99
C HIS A 108 -9.61 -13.31 3.58
N GLY A 109 -9.56 -12.00 3.33
CA GLY A 109 -10.68 -11.13 3.54
C GLY A 109 -11.55 -11.17 2.31
N ILE A 110 -11.88 -10.00 1.78
CA ILE A 110 -12.70 -9.91 0.59
C ILE A 110 -11.99 -10.39 -0.68
N SER A 111 -10.69 -10.62 -0.62
CA SER A 111 -9.91 -11.09 -1.76
C SER A 111 -10.19 -12.59 -1.98
N HIS A 112 -11.44 -12.90 -2.26
CA HIS A 112 -11.95 -14.26 -2.29
C HIS A 112 -12.95 -14.36 -3.46
N PRO A 113 -12.98 -15.50 -4.18
CA PRO A 113 -13.89 -15.59 -5.34
C PRO A 113 -15.27 -15.04 -5.07
N ARG A 114 -15.81 -15.33 -3.87
CA ARG A 114 -17.16 -14.92 -3.45
C ARG A 114 -17.21 -13.67 -2.56
N ARG A 115 -16.08 -12.97 -2.43
CA ARG A 115 -15.95 -11.77 -1.54
C ARG A 115 -16.25 -12.03 -0.07
N LEU A 116 -16.03 -13.25 0.36
CA LEU A 116 -16.27 -13.65 1.72
C LEU A 116 -15.26 -14.69 2.10
N GLY A 117 -14.00 -14.25 2.23
CA GLY A 117 -12.96 -15.08 2.83
C GLY A 117 -13.26 -15.32 4.31
N VAL A 118 -12.57 -16.24 4.90
CA VAL A 118 -12.76 -16.54 6.32
C VAL A 118 -12.60 -15.37 7.28
N ALA A 119 -11.71 -14.44 6.96
CA ALA A 119 -11.49 -13.28 7.79
C ALA A 119 -12.67 -12.31 7.77
N SER A 120 -13.28 -12.15 6.61
CA SER A 120 -14.51 -11.36 6.45
C SER A 120 -15.69 -12.07 7.12
N HIS A 121 -15.78 -13.40 6.90
CA HIS A 121 -16.80 -14.20 7.51
C HIS A 121 -16.75 -14.06 9.04
N PHE A 122 -15.59 -14.32 9.61
CA PHE A 122 -15.41 -14.23 11.06
C PHE A 122 -15.62 -12.79 11.54
N GLY A 123 -14.93 -11.84 10.90
CA GLY A 123 -14.97 -10.44 11.35
C GLY A 123 -16.41 -9.96 11.45
N LEU A 124 -17.18 -10.26 10.42
CA LEU A 124 -18.57 -9.87 10.33
C LEU A 124 -19.48 -10.54 11.37
N LEU A 125 -19.45 -11.85 11.49
CA LEU A 125 -20.30 -12.46 12.50
C LEU A 125 -19.95 -12.01 13.91
N VAL A 126 -18.68 -11.79 14.20
CA VAL A 126 -18.26 -11.41 15.56
C VAL A 126 -18.33 -9.89 15.74
N ASP A 127 -18.32 -9.16 14.61
CA ASP A 127 -18.47 -7.70 14.56
C ASP A 127 -17.32 -7.02 15.28
N VAL A 128 -16.10 -7.35 14.86
CA VAL A 128 -14.91 -6.68 15.35
C VAL A 128 -14.08 -6.31 14.16
N PRO A 129 -13.43 -5.15 14.21
CA PRO A 129 -12.50 -4.82 13.15
C PRO A 129 -11.54 -5.96 12.86
N THR A 130 -11.47 -6.37 11.59
CA THR A 130 -10.72 -7.56 11.19
C THR A 130 -10.00 -7.41 9.86
N ILE A 131 -8.79 -7.94 9.78
CA ILE A 131 -7.98 -7.85 8.58
C ILE A 131 -7.65 -9.23 8.07
N GLY A 132 -7.73 -9.43 6.76
CA GLY A 132 -7.27 -10.70 6.17
C GLY A 132 -5.81 -10.56 5.79
N VAL A 133 -4.95 -11.41 6.37
CA VAL A 133 -3.53 -11.45 6.04
C VAL A 133 -3.24 -12.81 5.47
N ALA A 134 -3.37 -12.92 4.14
CA ALA A 134 -3.23 -14.23 3.50
C ALA A 134 -1.83 -14.46 2.93
N LYS A 135 -1.43 -15.71 2.89
CA LYS A 135 -0.09 -16.09 2.48
C LYS A 135 0.03 -16.34 0.97
N LYS A 136 -1.10 -16.58 0.30
CA LYS A 136 -1.13 -16.91 -1.13
C LYS A 136 -2.32 -16.23 -1.81
N ARG A 137 -2.20 -16.00 -3.12
CA ARG A 137 -3.30 -15.48 -3.93
C ARG A 137 -4.39 -16.54 -4.08
N LEU A 138 -5.64 -16.09 -4.09
CA LEU A 138 -6.79 -16.98 -4.27
C LEU A 138 -7.53 -16.67 -5.55
N CYS A 139 -7.65 -15.38 -5.82
CA CYS A 139 -8.22 -14.84 -7.05
C CYS A 139 -7.68 -13.42 -7.28
N GLY A 140 -7.99 -12.86 -8.45
CA GLY A 140 -7.57 -11.50 -8.80
C GLY A 140 -6.23 -11.59 -9.47
N LYS A 141 -5.68 -10.42 -9.86
CA LYS A 141 -4.38 -10.34 -10.54
C LYS A 141 -3.55 -9.16 -10.03
N PHE A 142 -2.23 -9.29 -10.08
CA PHE A 142 -1.31 -8.19 -9.68
C PHE A 142 -0.06 -8.15 -10.58
N GLU A 143 0.50 -6.96 -10.76
CA GLU A 143 1.77 -6.81 -11.44
C GLU A 143 2.85 -7.47 -10.62
N PRO A 144 3.52 -8.48 -11.16
CA PRO A 144 4.62 -9.09 -10.42
C PRO A 144 5.57 -8.09 -9.69
N LEU A 145 5.92 -8.44 -8.46
CA LEU A 145 6.67 -7.58 -7.56
C LEU A 145 8.15 -7.70 -7.78
N SER A 146 8.85 -6.58 -7.70
CA SER A 146 10.28 -6.65 -7.61
C SER A 146 10.66 -7.21 -6.21
N SER A 147 11.93 -7.57 -6.12
CA SER A 147 12.41 -8.48 -5.12
C SER A 147 12.74 -7.81 -3.80
N GLU A 148 12.83 -6.50 -3.77
CA GLU A 148 13.16 -5.84 -2.52
C GLU A 148 12.01 -5.92 -1.49
N PRO A 149 12.36 -5.83 -0.19
CA PRO A 149 11.30 -5.64 0.78
C PRO A 149 10.56 -4.29 0.55
N GLY A 150 9.23 -4.31 0.65
CA GLY A 150 8.44 -3.10 0.50
C GLY A 150 7.87 -2.92 -0.88
N ALA A 151 8.25 -3.80 -1.79
CA ALA A 151 7.56 -3.87 -3.06
C ALA A 151 6.09 -4.04 -2.78
N LEU A 152 5.29 -3.29 -3.55
CA LEU A 152 3.87 -3.12 -3.32
C LEU A 152 3.06 -3.00 -4.63
N ALA A 153 2.07 -3.88 -4.82
CA ALA A 153 1.13 -3.77 -5.94
C ALA A 153 -0.31 -4.03 -5.48
N PRO A 154 -1.31 -3.38 -6.12
CA PRO A 154 -2.71 -3.67 -5.82
C PRO A 154 -3.19 -4.96 -6.44
N LEU A 155 -4.08 -5.65 -5.76
CA LEU A 155 -4.67 -6.85 -6.34
C LEU A 155 -5.99 -6.47 -6.98
N MET A 156 -6.12 -6.78 -8.26
CA MET A 156 -7.25 -6.30 -9.06
C MET A 156 -8.11 -7.47 -9.49
N ASP A 157 -9.42 -7.25 -9.47
CA ASP A 157 -10.33 -8.21 -10.06
C ASP A 157 -11.55 -7.45 -10.53
N LYS A 158 -11.87 -7.60 -11.82
CA LYS A 158 -13.12 -7.11 -12.36
C LYS A 158 -13.16 -5.58 -12.29
N GLY A 159 -12.00 -4.92 -12.28
CA GLY A 159 -11.93 -3.46 -12.12
C GLY A 159 -11.84 -2.97 -10.69
N GLU A 160 -11.86 -3.89 -9.74
CA GLU A 160 -11.87 -3.59 -8.29
C GLU A 160 -10.56 -3.97 -7.59
N GLN A 161 -10.12 -3.16 -6.63
CA GLN A 161 -8.99 -3.53 -5.79
C GLN A 161 -9.48 -4.33 -4.60
N LEU A 162 -9.14 -5.62 -4.55
CA LEU A 162 -9.50 -6.46 -3.41
C LEU A 162 -8.46 -6.51 -2.28
N ALA A 163 -7.20 -6.21 -2.58
CA ALA A 163 -6.16 -6.35 -1.57
C ALA A 163 -4.92 -5.60 -1.95
N TRP A 164 -4.03 -5.48 -0.97
CA TRP A 164 -2.67 -5.05 -1.21
C TRP A 164 -1.79 -6.30 -1.19
N VAL A 165 -0.91 -6.40 -2.16
CA VAL A 165 0.13 -7.43 -2.22
C VAL A 165 1.44 -6.75 -1.81
N TRP A 166 2.02 -7.17 -0.69
CA TRP A 166 3.14 -6.43 -0.05
C TRP A 166 4.23 -7.41 0.38
N ARG A 167 5.44 -7.19 -0.12
CA ARG A 167 6.58 -7.99 0.31
C ARG A 167 7.10 -7.50 1.66
N SER A 168 6.80 -8.24 2.74
CA SER A 168 7.09 -7.77 4.10
C SER A 168 8.54 -7.92 4.44
N LYS A 169 9.23 -8.75 3.66
CA LYS A 169 10.55 -9.21 4.04
C LYS A 169 11.28 -9.72 2.83
N ALA A 170 12.57 -9.39 2.74
CA ALA A 170 13.43 -9.80 1.64
C ALA A 170 13.49 -11.31 1.52
N ARG A 171 13.36 -11.82 0.30
CA ARG A 171 13.38 -13.29 0.06
C ARG A 171 12.26 -14.10 0.72
N CYS A 172 11.15 -13.44 1.00
CA CYS A 172 9.94 -14.13 1.37
C CYS A 172 8.94 -13.78 0.31
N ASN A 173 8.03 -14.71 0.07
CA ASN A 173 6.82 -14.41 -0.68
C ASN A 173 5.97 -13.35 0.00
N PRO A 174 5.20 -12.59 -0.79
CA PRO A 174 4.46 -11.48 -0.20
C PRO A 174 3.17 -11.92 0.49
N LEU A 175 2.57 -10.93 1.16
CA LEU A 175 1.29 -11.06 1.86
C LEU A 175 0.18 -10.46 1.03
N PHE A 176 -1.01 -11.01 1.15
CA PHE A 176 -2.20 -10.50 0.51
C PHE A 176 -3.13 -9.98 1.59
N ILE A 177 -3.13 -8.67 1.76
CA ILE A 177 -3.75 -8.01 2.89
C ILE A 177 -4.99 -7.30 2.40
N ALA A 178 -6.13 -7.64 2.99
CA ALA A 178 -7.43 -7.19 2.50
C ALA A 178 -8.29 -6.81 3.68
N THR A 179 -9.32 -6.03 3.45
CA THR A 179 -10.27 -5.84 4.53
C THR A 179 -10.94 -7.16 4.86
N GLY A 180 -11.08 -7.40 6.17
CA GLY A 180 -11.88 -8.50 6.68
C GLY A 180 -13.25 -7.91 6.90
N HIS A 181 -13.34 -7.01 7.89
CA HIS A 181 -14.55 -6.29 8.25
C HIS A 181 -14.15 -5.03 9.00
N ARG A 182 -14.75 -3.90 8.68
CA ARG A 182 -14.54 -2.65 9.43
C ARG A 182 -13.13 -2.14 9.42
N VAL A 183 -12.38 -2.48 8.39
CA VAL A 183 -11.06 -1.91 8.12
C VAL A 183 -10.95 -1.74 6.59
N SER A 184 -10.59 -0.54 6.13
CA SER A 184 -10.39 -0.23 4.70
C SER A 184 -9.17 -0.98 4.19
N VAL A 185 -9.03 -1.13 2.89
CA VAL A 185 -7.88 -1.89 2.33
C VAL A 185 -6.54 -1.20 2.64
N ASP A 186 -6.51 0.14 2.55
CA ASP A 186 -5.32 0.94 2.85
C ASP A 186 -5.00 0.93 4.35
N SER A 187 -6.00 1.00 5.22
CA SER A 187 -5.72 0.83 6.63
C SER A 187 -5.30 -0.64 6.93
N ALA A 188 -5.76 -1.62 6.17
CA ALA A 188 -5.39 -3.02 6.46
C ALA A 188 -3.87 -3.18 6.29
N LEU A 189 -3.35 -2.68 5.17
CA LEU A 189 -1.91 -2.61 4.93
C LEU A 189 -1.17 -1.87 6.05
N ALA A 190 -1.65 -0.68 6.37
CA ALA A 190 -1.02 0.14 7.40
C ALA A 190 -0.90 -0.61 8.74
N TRP A 191 -1.98 -1.28 9.15
CA TRP A 191 -2.00 -1.93 10.43
C TRP A 191 -1.11 -3.16 10.43
N VAL A 192 -1.08 -3.89 9.32
CA VAL A 192 -0.15 -5.01 9.23
C VAL A 192 1.31 -4.52 9.39
N GLN A 193 1.69 -3.50 8.64
CA GLN A 193 3.01 -2.87 8.76
C GLN A 193 3.34 -2.41 10.19
N ARG A 194 2.35 -1.94 10.93
CA ARG A 194 2.58 -1.54 12.31
C ARG A 194 2.82 -2.75 13.20
N CYS A 195 2.41 -3.93 12.76
CA CYS A 195 2.48 -5.10 13.61
C CYS A 195 3.62 -6.06 13.18
N MET A 196 4.57 -5.52 12.43
CA MET A 196 5.76 -6.24 12.00
C MET A 196 6.81 -6.17 13.08
N LYS A 197 7.52 -7.26 13.19
CA LYS A 197 8.70 -7.29 13.94
C LYS A 197 9.69 -7.69 12.86
N GLY A 198 10.41 -8.79 13.00
CA GLY A 198 11.36 -9.10 11.95
C GLY A 198 11.09 -10.35 11.13
N TYR A 199 9.83 -10.80 11.08
CA TYR A 199 9.51 -12.04 10.35
C TYR A 199 8.71 -11.75 9.09
N ARG A 200 8.37 -12.80 8.34
CA ARG A 200 7.51 -12.63 7.17
C ARG A 200 6.13 -12.11 7.59
N LEU A 201 5.53 -12.76 8.57
CA LEU A 201 4.16 -12.44 9.00
C LEU A 201 4.16 -11.41 10.10
N PRO A 202 3.09 -10.59 10.16
CA PRO A 202 2.96 -9.73 11.31
C PRO A 202 2.83 -10.60 12.53
N GLU A 203 3.23 -10.08 13.67
CA GLU A 203 3.25 -10.83 14.91
C GLU A 203 1.98 -11.58 15.27
N PRO A 204 0.80 -10.94 15.20
CA PRO A 204 -0.39 -11.66 15.60
C PRO A 204 -0.65 -12.96 14.82
N THR A 205 -0.52 -12.97 13.50
CA THR A 205 -0.72 -14.24 12.78
C THR A 205 0.50 -15.12 12.82
N ARG A 206 1.70 -14.58 13.02
CA ARG A 206 2.87 -15.41 13.26
C ARG A 206 2.67 -16.21 14.53
N TRP A 207 2.24 -15.53 15.58
CA TRP A 207 1.98 -16.18 16.87
C TRP A 207 0.86 -17.20 16.72
N ALA A 208 -0.22 -16.81 16.06
CA ALA A 208 -1.32 -17.72 15.91
C ALA A 208 -0.93 -19.03 15.20
N ASP A 209 -0.07 -18.95 14.18
CA ASP A 209 0.49 -20.15 13.51
C ASP A 209 1.45 -20.96 14.40
N ALA A 210 2.19 -20.28 15.25
CA ALA A 210 3.20 -20.94 16.07
C ALA A 210 2.59 -21.76 17.19
N VAL A 211 1.47 -21.31 17.77
CA VAL A 211 0.79 -22.12 18.78
C VAL A 211 0.03 -23.26 18.07
N MET B 4 18.22 1.60 15.24
CA MET B 4 17.72 2.82 14.52
C MET B 4 16.78 3.60 15.43
N ASP B 5 17.08 4.89 15.60
CA ASP B 5 16.32 5.75 16.48
C ASP B 5 14.97 6.09 15.77
N LEU B 6 14.00 5.18 15.96
CA LEU B 6 12.64 5.25 15.39
C LEU B 6 11.76 6.39 15.90
N ALA B 7 12.05 6.83 17.12
CA ALA B 7 11.42 8.02 17.67
C ALA B 7 11.94 9.22 16.89
N SER B 8 13.24 9.22 16.58
CA SER B 8 13.85 10.28 15.77
C SER B 8 13.39 10.22 14.30
N LEU B 9 13.17 9.00 13.78
CA LEU B 9 12.81 8.84 12.37
C LEU B 9 11.43 9.41 12.11
N ARG B 10 10.44 8.99 12.91
CA ARG B 10 9.08 9.50 12.76
C ARG B 10 8.95 10.98 12.99
N ALA B 11 9.78 11.53 13.85
CA ALA B 11 9.75 12.96 14.17
C ALA B 11 10.43 13.80 13.08
N GLN B 12 11.54 13.31 12.49
CA GLN B 12 12.12 13.93 11.26
C GLN B 12 11.06 13.92 10.16
N GLN B 13 10.35 12.81 10.02
CA GLN B 13 9.37 12.62 8.95
C GLN B 13 8.17 13.56 9.05
N ILE B 14 7.51 13.52 10.19
CA ILE B 14 6.42 14.45 10.53
C ILE B 14 6.85 15.87 10.26
N GLU B 15 8.11 16.15 10.56
CA GLU B 15 8.59 17.52 10.55
C GLU B 15 8.91 17.99 9.12
N LEU B 16 9.34 17.05 8.31
CA LEU B 16 9.47 17.25 6.86
C LEU B 16 8.07 17.39 6.23
N ALA B 17 7.18 16.41 6.43
CA ALA B 17 5.76 16.52 5.99
C ALA B 17 5.16 17.89 6.31
N SER B 18 5.51 18.43 7.48
CA SER B 18 5.08 19.75 7.91
C SER B 18 5.75 20.89 7.11
N SER B 19 7.00 20.69 6.68
CA SER B 19 7.72 21.72 5.95
C SER B 19 7.37 21.86 4.45
N VAL B 20 6.77 20.84 3.85
CA VAL B 20 6.36 20.92 2.43
C VAL B 20 5.53 22.18 2.16
N ILE B 21 5.85 22.90 1.10
CA ILE B 21 5.13 24.10 0.74
C ILE B 21 4.16 23.69 -0.34
N ARG B 22 2.90 24.05 -0.18
CA ARG B 22 1.85 23.63 -1.10
C ARG B 22 1.42 24.73 -1.99
N GLU B 23 2.18 25.81 -2.02
CA GLU B 23 1.96 26.93 -2.89
C GLU B 23 2.99 26.95 -4.00
N ASP B 24 2.66 27.65 -5.06
CA ASP B 24 3.61 27.89 -6.10
C ASP B 24 4.70 28.84 -5.64
N ARG B 25 5.93 28.34 -5.57
CA ARG B 25 7.08 29.19 -5.30
C ARG B 25 8.23 28.85 -6.26
N LEU B 26 7.99 29.03 -7.55
CA LEU B 26 9.01 28.79 -8.56
C LEU B 26 10.00 29.94 -8.54
N ASP B 27 11.26 29.64 -8.82
CA ASP B 27 12.27 30.68 -8.95
C ASP B 27 12.34 31.20 -10.36
N LYS B 28 11.80 30.45 -11.29
CA LYS B 28 11.94 30.80 -12.66
C LYS B 28 10.72 30.20 -13.29
N ASP B 29 9.92 31.06 -13.93
CA ASP B 29 8.64 30.67 -14.43
C ASP B 29 8.34 31.47 -15.68
N PRO B 30 8.29 30.80 -16.83
CA PRO B 30 8.45 29.36 -16.94
C PRO B 30 9.88 28.88 -16.66
N PRO B 31 10.09 27.57 -16.43
CA PRO B 31 11.45 27.10 -16.36
C PRO B 31 12.13 27.11 -17.72
N ASP B 32 13.46 27.16 -17.70
CA ASP B 32 14.26 26.88 -18.89
C ASP B 32 14.61 25.41 -18.92
N LEU B 33 14.95 24.89 -17.75
CA LEU B 33 15.34 23.48 -17.56
C LEU B 33 14.42 22.76 -16.60
N ILE B 34 13.96 21.57 -17.01
CA ILE B 34 13.21 20.69 -16.09
C ILE B 34 13.92 19.35 -16.00
N ALA B 35 13.60 18.62 -14.95
CA ALA B 35 14.18 17.34 -14.70
C ALA B 35 13.10 16.28 -14.47
N GLY B 36 13.44 15.04 -14.77
CA GLY B 36 12.62 13.87 -14.47
C GLY B 36 13.48 12.94 -13.66
N ALA B 37 12.90 12.29 -12.66
CA ALA B 37 13.62 11.36 -11.80
C ALA B 37 12.85 10.08 -11.65
N ASP B 38 13.60 9.00 -11.41
CA ASP B 38 13.09 7.64 -11.16
C ASP B 38 13.99 6.95 -10.11
N VAL B 39 13.39 6.13 -9.25
CA VAL B 39 14.12 5.32 -8.25
C VAL B 39 13.62 3.92 -8.25
N GLY B 40 14.52 3.00 -8.00
CA GLY B 40 14.13 1.62 -7.81
C GLY B 40 15.26 0.92 -7.08
N PHE B 41 15.13 -0.41 -7.03
CA PHE B 41 16.05 -1.27 -6.30
C PHE B 41 16.51 -2.40 -7.18
N GLU B 42 17.73 -2.85 -6.90
CA GLU B 42 18.34 -3.99 -7.58
C GLU B 42 18.88 -4.90 -6.50
N GLN B 43 19.23 -6.13 -6.87
CA GLN B 43 19.88 -7.08 -5.92
C GLN B 43 19.08 -7.29 -4.67
N GLY B 44 17.80 -7.55 -4.82
CA GLY B 44 16.90 -7.67 -3.68
C GLY B 44 16.96 -6.50 -2.70
N GLY B 45 17.27 -5.30 -3.15
CA GLY B 45 17.26 -4.12 -2.26
C GLY B 45 18.61 -3.63 -1.76
N GLU B 46 19.67 -4.37 -2.09
CA GLU B 46 21.05 -4.07 -1.62
C GLU B 46 21.65 -2.90 -2.37
N VAL B 47 21.12 -2.65 -3.57
CA VAL B 47 21.46 -1.49 -4.34
C VAL B 47 20.23 -0.64 -4.57
N THR B 48 20.37 0.67 -4.40
CA THR B 48 19.33 1.62 -4.76
C THR B 48 19.81 2.31 -6.04
N ARG B 49 18.92 2.46 -7.03
CA ARG B 49 19.27 2.96 -8.36
C ARG B 49 18.43 4.18 -8.67
N ALA B 50 19.05 5.28 -9.07
CA ALA B 50 18.26 6.45 -9.49
C ALA B 50 18.69 6.96 -10.85
N ALA B 51 17.72 7.36 -11.65
CA ALA B 51 18.01 7.98 -12.92
C ALA B 51 17.44 9.37 -12.93
N MET B 52 18.25 10.32 -13.37
CA MET B 52 17.82 11.69 -13.51
C MET B 52 18.01 12.09 -14.94
N VAL B 53 17.07 12.85 -15.43
CA VAL B 53 17.01 13.24 -16.80
C VAL B 53 16.79 14.74 -16.82
N LEU B 54 17.48 15.42 -17.72
CA LEU B 54 17.35 16.85 -17.82
C LEU B 54 16.80 17.13 -19.19
N LEU B 55 15.72 17.91 -19.25
CA LEU B 55 15.17 18.40 -20.50
C LEU B 55 15.04 19.92 -20.49
N LYS B 56 15.07 20.49 -21.69
CA LYS B 56 14.80 21.89 -21.92
C LYS B 56 13.29 22.09 -21.97
N TYR B 57 12.86 23.23 -21.44
CA TYR B 57 11.49 23.67 -21.50
C TYR B 57 11.47 25.00 -22.28
N PRO B 58 10.51 25.19 -23.20
CA PRO B 58 9.36 24.28 -23.44
C PRO B 58 9.48 23.21 -24.50
N SER B 59 10.65 23.04 -25.11
CA SER B 59 10.79 22.07 -26.22
C SER B 59 10.75 20.65 -25.72
N LEU B 60 11.20 20.40 -24.47
CA LEU B 60 11.26 19.02 -23.94
C LEU B 60 12.41 18.17 -24.59
N GLU B 61 13.44 18.82 -25.13
CA GLU B 61 14.58 18.10 -25.72
C GLU B 61 15.42 17.62 -24.59
N LEU B 62 15.73 16.33 -24.64
CA LEU B 62 16.60 15.69 -23.71
C LEU B 62 18.01 16.22 -23.90
N VAL B 63 18.60 16.75 -22.84
CA VAL B 63 19.94 17.32 -22.83
C VAL B 63 20.95 16.35 -22.24
N GLU B 64 20.65 15.73 -21.10
CA GLU B 64 21.55 14.79 -20.42
C GLU B 64 20.79 13.91 -19.42
N TYR B 65 21.38 12.77 -19.07
CA TYR B 65 20.86 11.90 -18.00
C TYR B 65 22.02 11.38 -17.16
N LYS B 66 21.71 10.94 -15.96
CA LYS B 66 22.68 10.38 -15.08
C LYS B 66 22.03 9.22 -14.35
N VAL B 67 22.73 8.12 -14.22
CA VAL B 67 22.22 7.02 -13.42
C VAL B 67 23.16 6.76 -12.23
N ALA B 68 22.62 6.84 -11.02
CA ALA B 68 23.36 6.55 -9.78
C ALA B 68 23.00 5.20 -9.29
N ARG B 69 24.00 4.49 -8.80
CA ARG B 69 23.76 3.23 -8.13
C ARG B 69 24.58 3.22 -6.86
N ILE B 70 23.90 3.14 -5.73
CA ILE B 70 24.61 3.11 -4.49
C ILE B 70 24.29 1.85 -3.72
N ALA B 71 25.17 1.50 -2.78
CA ALA B 71 24.87 0.49 -1.79
C ALA B 71 23.81 1.05 -0.84
N THR B 72 22.77 0.25 -0.59
CA THR B 72 21.68 0.62 0.32
C THR B 72 22.12 0.44 1.77
N THR B 73 22.18 1.51 2.55
CA THR B 73 22.51 1.38 3.99
C THR B 73 21.32 1.53 4.92
N MET B 74 20.41 2.42 4.60
CA MET B 74 19.20 2.57 5.39
C MET B 74 18.45 1.25 5.26
N PRO B 75 18.06 0.60 6.37
CA PRO B 75 17.24 -0.63 6.15
C PRO B 75 15.81 -0.28 5.80
N TYR B 76 15.06 -1.28 5.32
CA TYR B 76 13.62 -1.09 5.05
C TYR B 76 12.80 -1.18 6.35
N ILE B 77 12.01 -0.14 6.61
CA ILE B 77 11.12 -0.06 7.78
C ILE B 77 9.81 0.49 7.22
N PRO B 78 8.70 -0.27 7.35
CA PRO B 78 7.50 0.14 6.60
C PRO B 78 7.07 1.58 6.91
N GLY B 79 6.67 2.32 5.88
CA GLY B 79 6.31 3.73 6.02
C GLY B 79 7.49 4.67 5.90
N PHE B 80 8.65 4.10 5.57
CA PHE B 80 9.91 4.87 5.52
C PHE B 80 10.74 4.56 4.26
N LEU B 81 10.06 4.13 3.21
CA LEU B 81 10.70 3.88 1.94
C LEU B 81 11.43 5.10 1.40
N SER B 82 10.83 6.28 1.59
CA SER B 82 11.40 7.50 1.09
C SER B 82 12.80 7.71 1.64
N PHE B 83 13.06 7.15 2.82
CA PHE B 83 14.38 7.29 3.46
C PHE B 83 15.45 6.38 2.82
N ARG B 84 15.04 5.27 2.22
CA ARG B 84 15.94 4.51 1.34
C ARG B 84 16.07 5.06 -0.05
N GLU B 85 15.00 5.60 -0.59
CA GLU B 85 15.00 6.11 -1.96
C GLU B 85 15.75 7.42 -2.08
N TYR B 86 15.58 8.31 -1.11
CA TYR B 86 16.15 9.63 -1.17
C TYR B 86 17.68 9.71 -1.50
N PRO B 87 18.53 8.91 -0.82
CA PRO B 87 20.00 9.07 -1.03
C PRO B 87 20.45 8.82 -2.46
N ALA B 88 19.85 7.83 -3.12
CA ALA B 88 20.05 7.53 -4.53
C ALA B 88 19.65 8.67 -5.43
N LEU B 89 18.51 9.31 -5.17
CA LEU B 89 18.08 10.46 -5.96
C LEU B 89 19.03 11.63 -5.83
N LEU B 90 19.47 11.84 -4.58
CA LEU B 90 20.47 12.84 -4.28
C LEU B 90 21.80 12.56 -5.02
N ALA B 91 22.26 11.31 -4.98
CA ALA B 91 23.44 10.92 -5.74
C ALA B 91 23.35 11.31 -7.23
N ALA B 92 22.23 10.98 -7.86
CA ALA B 92 22.03 11.23 -9.29
C ALA B 92 21.95 12.70 -9.58
N TRP B 93 21.25 13.40 -8.69
CA TRP B 93 21.07 14.84 -8.71
C TRP B 93 22.40 15.56 -8.74
N GLU B 94 23.28 15.21 -7.81
CA GLU B 94 24.63 15.79 -7.77
C GLU B 94 25.45 15.52 -9.03
N MET B 95 25.19 14.44 -9.77
CA MET B 95 25.88 14.15 -11.02
C MET B 95 25.49 15.10 -12.16
N LEU B 96 24.32 15.71 -12.09
CA LEU B 96 23.86 16.61 -13.13
C LEU B 96 24.77 17.83 -13.30
N SER B 97 25.15 18.09 -14.54
CA SER B 97 26.00 19.22 -14.87
C SER B 97 25.33 20.59 -14.70
N GLN B 98 24.01 20.70 -14.79
CA GLN B 98 23.33 21.91 -14.33
C GLN B 98 22.04 21.54 -13.61
N LYS B 99 21.52 22.46 -12.80
CA LYS B 99 20.32 22.20 -12.04
C LYS B 99 19.07 22.74 -12.75
N PRO B 100 17.99 21.95 -12.73
CA PRO B 100 16.71 22.33 -13.28
C PRO B 100 15.96 23.29 -12.37
N ASP B 101 15.01 24.00 -12.94
CA ASP B 101 14.13 24.90 -12.19
C ASP B 101 12.87 24.19 -11.63
N LEU B 102 12.62 22.95 -12.06
CA LEU B 102 11.42 22.21 -11.69
C LEU B 102 11.65 20.75 -12.00
N VAL B 103 11.25 19.90 -11.06
CA VAL B 103 11.54 18.48 -11.10
C VAL B 103 10.24 17.65 -11.11
N PHE B 104 10.14 16.67 -12.01
CA PHE B 104 9.04 15.71 -12.02
C PHE B 104 9.54 14.37 -11.53
N VAL B 105 9.06 13.92 -10.37
CA VAL B 105 9.48 12.61 -9.83
C VAL B 105 8.46 11.51 -10.11
N ASP B 106 8.87 10.39 -10.71
CA ASP B 106 7.99 9.24 -10.86
C ASP B 106 7.73 8.64 -9.47
N GLY B 107 6.78 9.20 -8.76
CA GLY B 107 6.61 8.90 -7.34
C GLY B 107 5.64 9.88 -6.73
N HIS B 108 5.17 9.56 -5.51
CA HIS B 108 4.14 10.31 -4.86
C HIS B 108 4.70 11.52 -4.18
N GLY B 109 3.97 12.62 -4.24
CA GLY B 109 4.27 13.81 -3.48
C GLY B 109 3.56 13.63 -2.15
N ILE B 110 2.62 14.54 -1.87
CA ILE B 110 1.83 14.44 -0.66
C ILE B 110 0.74 13.37 -0.72
N SER B 111 0.43 12.82 -1.89
CA SER B 111 -0.51 11.67 -1.98
C SER B 111 0.15 10.43 -1.39
N HIS B 112 0.20 10.36 -0.07
CA HIS B 112 1.04 9.36 0.60
C HIS B 112 0.53 9.28 2.02
N PRO B 113 0.42 8.08 2.59
CA PRO B 113 -0.14 8.02 3.96
C PRO B 113 0.46 8.93 5.00
N ARG B 114 1.75 9.19 4.95
CA ARG B 114 2.39 10.10 5.88
C ARG B 114 2.51 11.50 5.34
N ARG B 115 1.93 11.73 4.15
CA ARG B 115 2.03 13.04 3.44
C ARG B 115 3.47 13.37 3.10
N LEU B 116 4.28 12.34 2.87
CA LEU B 116 5.68 12.53 2.46
C LEU B 116 6.11 11.40 1.55
N GLY B 117 5.63 11.47 0.31
CA GLY B 117 6.08 10.59 -0.74
C GLY B 117 7.53 10.99 -1.04
N VAL B 118 8.23 10.11 -1.74
CA VAL B 118 9.60 10.37 -2.18
C VAL B 118 9.74 11.71 -2.95
N ALA B 119 8.73 12.12 -3.70
CA ALA B 119 8.77 13.41 -4.42
C ALA B 119 8.80 14.63 -3.49
N SER B 120 8.10 14.52 -2.38
CA SER B 120 8.07 15.62 -1.44
C SER B 120 9.37 15.61 -0.62
N HIS B 121 9.81 14.40 -0.27
CA HIS B 121 11.05 14.18 0.47
C HIS B 121 12.24 14.77 -0.30
N PHE B 122 12.37 14.34 -1.55
CA PHE B 122 13.43 14.82 -2.42
C PHE B 122 13.32 16.31 -2.63
N GLY B 123 12.15 16.76 -3.03
CA GLY B 123 12.01 18.15 -3.42
C GLY B 123 12.42 19.02 -2.26
N LEU B 124 11.93 18.63 -1.10
CA LEU B 124 12.15 19.42 0.07
C LEU B 124 13.64 19.48 0.46
N LEU B 125 14.31 18.33 0.52
CA LEU B 125 15.73 18.29 0.90
C LEU B 125 16.66 18.94 -0.11
N VAL B 126 16.24 18.98 -1.37
CA VAL B 126 17.06 19.60 -2.38
C VAL B 126 16.66 21.06 -2.54
N ASP B 127 15.43 21.37 -2.09
CA ASP B 127 14.85 22.71 -2.18
C ASP B 127 14.71 23.22 -3.61
N VAL B 128 13.97 22.47 -4.41
CA VAL B 128 13.72 22.82 -5.81
C VAL B 128 12.28 22.50 -6.06
N PRO B 129 11.56 23.35 -6.81
CA PRO B 129 10.16 22.99 -6.98
C PRO B 129 10.01 21.60 -7.59
N THR B 130 9.08 20.84 -7.03
CA THR B 130 8.97 19.46 -7.38
C THR B 130 7.53 18.98 -7.42
N ILE B 131 7.27 18.06 -8.33
CA ILE B 131 5.94 17.51 -8.54
C ILE B 131 6.06 16.02 -8.47
N GLY B 132 5.14 15.36 -7.77
CA GLY B 132 5.03 13.88 -7.83
C GLY B 132 4.12 13.44 -8.98
N VAL B 133 4.61 12.57 -9.86
CA VAL B 133 3.85 12.03 -11.00
C VAL B 133 3.83 10.53 -10.81
N ALA B 134 2.86 10.04 -10.05
CA ALA B 134 2.84 8.66 -9.66
C ALA B 134 2.00 7.84 -10.62
N LYS B 135 2.45 6.62 -10.87
CA LYS B 135 1.80 5.72 -11.80
C LYS B 135 0.60 4.93 -11.24
N LYS B 136 0.50 4.84 -9.91
CA LYS B 136 -0.51 4.03 -9.20
C LYS B 136 -0.90 4.67 -7.92
N ARG B 137 -2.11 4.35 -7.46
CA ARG B 137 -2.67 4.94 -6.25
C ARG B 137 -1.97 4.32 -5.05
N LEU B 138 -1.62 5.12 -4.07
CA LEU B 138 -1.08 4.60 -2.83
C LEU B 138 -2.07 4.86 -1.70
N CYS B 139 -2.66 6.05 -1.67
CA CYS B 139 -3.70 6.35 -0.69
C CYS B 139 -4.74 7.28 -1.31
N GLY B 140 -5.79 7.58 -0.55
CA GLY B 140 -6.87 8.41 -1.03
C GLY B 140 -7.82 7.72 -1.98
N LYS B 141 -8.95 8.38 -2.21
CA LYS B 141 -9.95 7.84 -3.14
C LYS B 141 -10.38 8.88 -4.17
N PHE B 142 -10.82 8.37 -5.31
CA PHE B 142 -11.18 9.22 -6.42
C PHE B 142 -12.34 8.57 -7.17
N GLU B 143 -13.17 9.40 -7.80
CA GLU B 143 -14.36 8.89 -8.49
C GLU B 143 -13.93 8.27 -9.80
N PRO B 144 -14.47 7.10 -10.13
CA PRO B 144 -13.93 6.43 -11.30
C PRO B 144 -13.95 7.31 -12.52
N LEU B 145 -12.87 7.26 -13.28
CA LEU B 145 -12.67 8.18 -14.38
C LEU B 145 -13.36 7.59 -15.55
N SER B 146 -14.06 8.40 -16.33
CA SER B 146 -14.54 7.90 -17.61
C SER B 146 -13.30 7.61 -18.43
N SER B 147 -13.49 7.05 -19.61
CA SER B 147 -12.37 6.40 -20.32
C SER B 147 -11.67 7.26 -21.37
N GLU B 148 -12.15 8.49 -21.59
CA GLU B 148 -11.56 9.36 -22.60
C GLU B 148 -10.32 10.06 -22.05
N PRO B 149 -9.34 10.36 -22.94
CA PRO B 149 -8.20 11.13 -22.47
C PRO B 149 -8.61 12.50 -21.97
N GLY B 150 -7.96 12.94 -20.90
CA GLY B 150 -8.33 14.15 -20.21
C GLY B 150 -9.20 13.94 -18.99
N ALA B 151 -9.79 12.77 -18.84
CA ALA B 151 -10.64 12.49 -17.69
C ALA B 151 -9.88 12.83 -16.40
N LEU B 152 -10.61 13.35 -15.43
CA LEU B 152 -10.02 14.02 -14.28
C LEU B 152 -10.92 13.88 -13.06
N ALA B 153 -10.36 13.50 -11.92
CA ALA B 153 -11.04 13.50 -10.63
C ALA B 153 -10.08 13.90 -9.51
N PRO B 154 -10.59 14.55 -8.44
CA PRO B 154 -9.71 14.85 -7.31
C PRO B 154 -9.44 13.61 -6.45
N LEU B 155 -8.25 13.55 -5.86
CA LEU B 155 -7.92 12.47 -4.96
C LEU B 155 -8.12 12.97 -3.55
N MET B 156 -9.09 12.36 -2.88
CA MET B 156 -9.60 12.87 -1.62
C MET B 156 -9.24 11.96 -0.47
N ASP B 157 -8.92 12.56 0.66
CA ASP B 157 -8.68 11.84 1.89
C ASP B 157 -9.23 12.68 3.02
N LYS B 158 -10.38 12.27 3.54
CA LYS B 158 -11.01 12.94 4.69
C LYS B 158 -11.28 14.41 4.37
N GLY B 159 -11.79 14.65 3.16
CA GLY B 159 -12.11 16.01 2.72
C GLY B 159 -10.88 16.83 2.40
N GLU B 160 -9.78 16.15 2.10
CA GLU B 160 -8.55 16.83 1.71
C GLU B 160 -8.12 16.29 0.35
N GLN B 161 -7.93 17.19 -0.61
CA GLN B 161 -7.42 16.83 -1.92
C GLN B 161 -5.95 16.65 -1.79
N LEU B 162 -5.48 15.45 -2.12
CA LEU B 162 -4.05 15.23 -2.13
C LEU B 162 -3.44 15.30 -3.54
N ALA B 163 -4.25 15.14 -4.57
CA ALA B 163 -3.77 15.08 -5.91
C ALA B 163 -4.91 15.22 -6.93
N TRP B 164 -4.50 15.27 -8.20
CA TRP B 164 -5.38 15.12 -9.34
C TRP B 164 -5.08 13.81 -9.96
N VAL B 165 -6.15 13.09 -10.27
CA VAL B 165 -6.04 11.85 -10.97
C VAL B 165 -6.43 12.17 -12.39
N TRP B 166 -5.54 11.92 -13.35
CA TRP B 166 -5.73 12.40 -14.71
C TRP B 166 -5.41 11.32 -15.74
N ARG B 167 -6.30 11.07 -16.67
CA ARG B 167 -5.98 10.16 -17.72
C ARG B 167 -5.27 10.91 -18.84
N SER B 168 -3.96 10.71 -18.91
CA SER B 168 -3.10 11.39 -19.85
C SER B 168 -3.14 10.81 -21.26
N LYS B 169 -3.65 9.60 -21.40
CA LYS B 169 -3.69 8.90 -22.66
C LYS B 169 -4.81 7.86 -22.74
N ALA B 170 -5.37 7.70 -23.92
CA ALA B 170 -6.45 6.73 -24.13
C ALA B 170 -5.96 5.31 -23.85
N ARG B 171 -6.76 4.55 -23.09
CA ARG B 171 -6.49 3.13 -22.80
C ARG B 171 -5.29 2.92 -21.90
N CYS B 172 -4.86 3.99 -21.23
CA CYS B 172 -3.79 3.94 -20.27
C CYS B 172 -4.34 4.27 -18.91
N ASN B 173 -3.84 3.64 -17.87
CA ASN B 173 -4.19 4.04 -16.52
C ASN B 173 -3.77 5.48 -16.19
N PRO B 174 -4.50 6.11 -15.28
CA PRO B 174 -4.25 7.53 -14.93
C PRO B 174 -2.95 7.80 -14.14
N LEU B 175 -2.59 9.07 -14.07
CA LEU B 175 -1.48 9.51 -13.24
C LEU B 175 -2.04 10.14 -11.99
N PHE B 176 -1.21 10.12 -10.95
CA PHE B 176 -1.55 10.69 -9.66
C PHE B 176 -0.57 11.82 -9.43
N ILE B 177 -1.04 13.03 -9.68
CA ILE B 177 -0.17 14.19 -9.77
C ILE B 177 -0.39 15.03 -8.55
N ALA B 178 0.67 15.26 -7.79
CA ALA B 178 0.58 16.00 -6.55
C ALA B 178 1.72 16.97 -6.34
N THR B 179 1.50 17.90 -5.41
CA THR B 179 2.56 18.69 -4.86
C THR B 179 3.60 17.74 -4.34
N GLY B 180 4.85 17.98 -4.72
CA GLY B 180 6.02 17.41 -4.09
C GLY B 180 6.50 18.47 -3.13
N HIS B 181 6.95 19.59 -3.64
CA HIS B 181 7.36 20.74 -2.81
C HIS B 181 7.39 21.97 -3.65
N ARG B 182 6.77 23.04 -3.15
CA ARG B 182 6.77 24.36 -3.81
C ARG B 182 5.99 24.47 -5.11
N VAL B 183 5.04 23.55 -5.30
CA VAL B 183 4.12 23.64 -6.43
C VAL B 183 2.75 23.24 -5.89
N SER B 184 1.76 24.10 -6.15
CA SER B 184 0.36 23.81 -5.86
C SER B 184 -0.10 22.61 -6.61
N VAL B 185 -1.15 22.01 -6.11
CA VAL B 185 -1.72 20.83 -6.73
C VAL B 185 -2.30 21.15 -8.13
N ASP B 186 -2.93 22.31 -8.28
CA ASP B 186 -3.50 22.72 -9.61
C ASP B 186 -2.42 22.94 -10.64
N SER B 187 -1.40 23.69 -10.24
CA SER B 187 -0.22 23.91 -11.06
C SER B 187 0.53 22.61 -11.34
N ALA B 188 0.59 21.69 -10.37
CA ALA B 188 1.18 20.40 -10.66
C ALA B 188 0.52 19.78 -11.91
N LEU B 189 -0.80 19.83 -12.01
CA LEU B 189 -1.47 19.22 -13.18
C LEU B 189 -1.17 19.99 -14.46
N ALA B 190 -1.21 21.31 -14.38
CA ALA B 190 -0.91 22.17 -15.50
C ALA B 190 0.48 21.90 -16.00
N TRP B 191 1.46 21.85 -15.13
CA TRP B 191 2.83 21.54 -15.60
C TRP B 191 2.96 20.16 -16.21
N VAL B 192 2.29 19.15 -15.66
CA VAL B 192 2.35 17.81 -16.25
C VAL B 192 1.74 17.81 -17.67
N GLN B 193 0.55 18.40 -17.82
CA GLN B 193 -0.09 18.62 -19.09
C GLN B 193 0.83 19.28 -20.14
N ARG B 194 1.58 20.29 -19.72
CA ARG B 194 2.46 21.04 -20.62
C ARG B 194 3.64 20.23 -21.04
N CYS B 195 3.98 19.17 -20.31
CA CYS B 195 5.13 18.35 -20.63
C CYS B 195 4.79 17.04 -21.32
N MET B 196 3.57 16.92 -21.80
CA MET B 196 3.14 15.72 -22.52
C MET B 196 3.61 15.79 -23.96
N LYS B 197 3.91 14.64 -24.52
CA LYS B 197 4.15 14.60 -25.93
C LYS B 197 3.74 13.26 -26.51
N GLY B 198 2.50 12.85 -26.29
CA GLY B 198 1.97 11.67 -26.96
C GLY B 198 2.03 10.36 -26.20
N TYR B 199 2.65 10.32 -25.01
CA TYR B 199 2.89 9.06 -24.28
C TYR B 199 2.13 9.11 -23.00
N ARG B 200 2.03 8.00 -22.27
CA ARG B 200 1.32 8.00 -20.99
C ARG B 200 1.98 8.98 -19.96
N LEU B 201 3.30 8.92 -19.85
CA LEU B 201 4.02 9.78 -18.94
C LEU B 201 4.40 11.07 -19.61
N PRO B 202 4.43 12.17 -18.85
CA PRO B 202 5.04 13.37 -19.38
C PRO B 202 6.49 13.07 -19.72
N GLU B 203 7.03 13.78 -20.72
CA GLU B 203 8.39 13.58 -21.19
C GLU B 203 9.46 13.42 -20.11
N PRO B 204 9.46 14.27 -19.08
CA PRO B 204 10.57 14.12 -18.12
C PRO B 204 10.61 12.79 -17.38
N THR B 205 9.49 12.28 -16.88
CA THR B 205 9.51 10.96 -16.25
C THR B 205 9.47 9.85 -17.25
N ARG B 206 9.04 10.16 -18.47
CA ARG B 206 9.10 9.13 -19.48
C ARG B 206 10.54 8.73 -19.76
N TRP B 207 11.38 9.72 -19.91
CA TRP B 207 12.80 9.52 -20.13
C TRP B 207 13.48 8.94 -18.91
N ALA B 208 13.17 9.48 -17.74
CA ALA B 208 13.77 8.97 -16.53
C ALA B 208 13.56 7.46 -16.43
N ASP B 209 12.40 6.96 -16.86
CA ASP B 209 12.12 5.54 -16.87
C ASP B 209 12.83 4.79 -17.98
N ALA B 210 13.05 5.43 -19.12
CA ALA B 210 13.60 4.78 -20.32
C ALA B 210 15.10 4.51 -20.27
N VAL B 211 15.86 5.43 -19.68
CA VAL B 211 17.33 5.31 -19.66
C VAL B 211 17.83 4.11 -18.87
N ALA B 212 18.91 3.54 -19.36
CA ALA B 212 19.72 2.54 -18.64
C ALA B 212 21.15 3.01 -18.88
N SER B 213 22.15 2.31 -18.36
CA SER B 213 23.58 2.73 -18.62
C SER B 213 23.75 4.13 -19.33
#